data_1HWU
#
_entry.id   1HWU
#
_cell.length_a   78.410
_cell.length_b   82.320
_cell.length_c   100.950
_cell.angle_alpha   90.00
_cell.angle_beta   90.00
_cell.angle_gamma   90.00
#
_symmetry.space_group_name_H-M   'P 21 21 21'
#
loop_
_entity.id
_entity.type
_entity.pdbx_description
1 polymer 'PII PROTEIN'
2 water water
#
_entity_poly.entity_id   1
_entity_poly.type   'polypeptide(L)'
_entity_poly.pdbx_seq_one_letter_code
;MKQVTAIIKPFKLDEVRESLAEVGVTGLTVTEVKGFGRQKGHTELYRGAEYVVDFLPKVKIEVVVDDKVVEQAVDAIIKA
ARTGKIGDGKIFVQEVEQVIRIRTGETGPDAV
;
_entity_poly.pdbx_strand_id   A,B,C,D,E,F
#
# COMPACT_ATOMS: atom_id res chain seq x y z
N MET A 1 -14.20 -6.23 11.54
CA MET A 1 -13.58 -7.57 11.47
C MET A 1 -12.80 -7.73 10.15
N LYS A 2 -11.67 -8.41 10.30
CA LYS A 2 -10.78 -8.62 9.16
C LYS A 2 -10.70 -10.14 8.88
N GLN A 3 -10.67 -10.50 7.59
CA GLN A 3 -10.35 -11.92 7.27
C GLN A 3 -8.83 -11.91 7.06
N VAL A 4 -8.03 -12.75 7.71
CA VAL A 4 -6.62 -12.83 7.39
C VAL A 4 -6.42 -14.12 6.55
N THR A 5 -5.86 -14.00 5.34
CA THR A 5 -5.51 -15.19 4.57
C THR A 5 -3.99 -15.36 4.46
N ALA A 6 -3.49 -16.57 4.47
CA ALA A 6 -2.08 -16.79 4.14
C ALA A 6 -1.98 -18.06 3.26
N ILE A 7 -1.02 -18.04 2.36
CA ILE A 7 -0.74 -19.16 1.47
C ILE A 7 0.68 -19.56 1.81
N ILE A 8 0.78 -20.70 2.48
CA ILE A 8 2.11 -21.10 2.99
C ILE A 8 2.43 -22.50 2.49
N LYS A 9 3.68 -22.89 2.75
CA LYS A 9 4.10 -24.23 2.42
C LYS A 9 3.36 -25.15 3.38
N PRO A 10 3.02 -26.35 2.85
CA PRO A 10 2.19 -27.36 3.52
C PRO A 10 2.62 -27.75 4.94
N PHE A 11 3.90 -28.05 5.06
CA PHE A 11 4.47 -28.54 6.29
C PHE A 11 4.71 -27.47 7.34
N LYS A 12 4.38 -26.20 7.03
CA LYS A 12 4.51 -25.11 8.03
C LYS A 12 3.16 -24.92 8.73
N LEU A 13 2.18 -25.74 8.36
CA LEU A 13 0.84 -25.57 8.95
C LEU A 13 0.84 -25.65 10.47
N ASP A 14 1.28 -26.75 11.03
CA ASP A 14 1.33 -26.98 12.49
C ASP A 14 1.97 -25.84 13.30
N GLU A 15 3.07 -25.29 12.79
CA GLU A 15 3.74 -24.19 13.45
C GLU A 15 2.92 -22.94 13.41
N VAL A 16 2.40 -22.61 12.24
CA VAL A 16 1.57 -21.45 12.15
C VAL A 16 0.40 -21.53 13.07
N ARG A 17 -0.29 -22.68 13.05
CA ARG A 17 -1.43 -22.90 13.93
C ARG A 17 -1.02 -22.65 15.37
N GLU A 18 0.07 -23.32 15.83
CA GLU A 18 0.48 -23.11 17.23
C GLU A 18 0.85 -21.63 17.51
N SER A 19 1.51 -20.96 16.59
CA SER A 19 1.89 -19.56 16.84
C SER A 19 0.69 -18.65 16.92
N LEU A 20 -0.35 -18.82 16.08
CA LEU A 20 -1.60 -18.10 16.18
C LEU A 20 -2.28 -18.29 17.56
N ALA A 21 -2.33 -19.55 18.01
CA ALA A 21 -2.99 -19.94 19.23
C ALA A 21 -2.33 -19.30 20.49
N GLU A 22 -1.07 -18.98 20.35
CA GLU A 22 -0.35 -18.27 21.39
C GLU A 22 -0.88 -16.82 21.46
N VAL A 23 -1.31 -16.27 20.36
CA VAL A 23 -1.83 -14.91 20.38
C VAL A 23 -3.34 -14.92 20.48
N GLY A 24 -3.92 -16.06 20.86
CA GLY A 24 -5.37 -16.20 21.06
C GLY A 24 -6.23 -16.45 19.83
N VAL A 25 -5.59 -16.72 18.71
CA VAL A 25 -6.35 -16.87 17.45
C VAL A 25 -6.53 -18.33 17.09
N THR A 26 -7.77 -18.81 17.05
CA THR A 26 -8.04 -20.19 16.66
C THR A 26 -9.21 -20.09 15.64
N GLY A 27 -9.74 -21.15 15.11
CA GLY A 27 -10.89 -21.14 14.22
C GLY A 27 -10.40 -21.08 12.76
N LEU A 28 -9.20 -21.59 12.53
CA LEU A 28 -8.61 -21.61 11.22
C LEU A 28 -9.49 -22.49 10.29
N THR A 29 -9.62 -22.00 9.07
CA THR A 29 -10.11 -22.82 7.94
C THR A 29 -8.91 -23.19 7.03
N VAL A 30 -8.72 -24.44 6.65
CA VAL A 30 -7.60 -24.87 5.84
C VAL A 30 -8.08 -25.43 4.49
N THR A 31 -7.48 -24.95 3.41
CA THR A 31 -7.77 -25.45 2.08
C THR A 31 -6.48 -25.88 1.35
N GLU A 32 -6.48 -27.03 0.74
CA GLU A 32 -5.32 -27.46 -0.07
C GLU A 32 -5.42 -26.72 -1.42
N VAL A 33 -4.36 -26.05 -1.91
CA VAL A 33 -4.42 -25.34 -3.18
C VAL A 33 -3.13 -25.61 -3.96
N LYS A 34 -3.08 -25.18 -5.23
CA LYS A 34 -1.82 -25.29 -6.06
C LYS A 34 -1.25 -23.89 -6.29
N GLY A 35 0.07 -23.81 -6.40
CA GLY A 35 0.83 -22.61 -6.69
C GLY A 35 1.71 -23.01 -7.87
N PHE A 36 2.40 -22.09 -8.48
CA PHE A 36 3.26 -22.41 -9.61
C PHE A 36 4.71 -22.05 -9.36
N GLY A 37 5.62 -22.99 -9.65
CA GLY A 37 7.03 -22.71 -9.39
C GLY A 37 7.64 -22.27 -10.73
N TYR A 51 15.58 -30.30 -13.09
CA TYR A 51 14.15 -29.98 -13.43
C TYR A 51 13.46 -29.03 -12.45
N VAL A 52 12.90 -27.97 -12.99
CA VAL A 52 12.20 -27.02 -12.14
C VAL A 52 10.75 -27.43 -12.00
N VAL A 53 10.29 -27.81 -10.83
CA VAL A 53 8.89 -28.19 -10.66
C VAL A 53 7.97 -26.99 -10.91
N ASP A 54 6.81 -27.24 -11.54
CA ASP A 54 5.78 -26.19 -11.82
C ASP A 54 4.62 -26.26 -10.87
N PHE A 55 3.74 -27.28 -10.97
CA PHE A 55 2.60 -27.42 -10.05
C PHE A 55 3.08 -27.73 -8.59
N LEU A 56 2.76 -26.89 -7.60
CA LEU A 56 3.27 -27.09 -6.22
C LEU A 56 2.18 -27.12 -5.14
N PRO A 57 2.40 -27.97 -4.15
CA PRO A 57 1.47 -28.01 -3.02
C PRO A 57 1.39 -26.74 -2.22
N LYS A 58 0.26 -26.24 -1.88
CA LYS A 58 0.32 -25.15 -0.93
C LYS A 58 -0.85 -25.34 -0.05
N VAL A 59 -0.91 -24.53 0.95
CA VAL A 59 -1.99 -24.60 1.86
C VAL A 59 -2.47 -23.20 2.09
N LYS A 60 -3.77 -23.03 2.04
CA LYS A 60 -4.29 -21.67 2.28
C LYS A 60 -4.93 -21.80 3.70
N ILE A 61 -4.61 -20.78 4.46
CA ILE A 61 -5.27 -20.64 5.78
C ILE A 61 -6.07 -19.38 5.84
N GLU A 62 -7.24 -19.44 6.47
CA GLU A 62 -8.11 -18.28 6.55
C GLU A 62 -8.71 -18.16 7.95
N VAL A 63 -8.64 -16.96 8.52
CA VAL A 63 -9.26 -16.69 9.86
C VAL A 63 -9.85 -15.27 9.86
N VAL A 64 -10.96 -15.10 10.52
CA VAL A 64 -11.63 -13.81 10.68
C VAL A 64 -11.41 -13.42 12.13
N VAL A 65 -10.84 -12.26 12.33
CA VAL A 65 -10.49 -11.71 13.61
C VAL A 65 -11.07 -10.29 13.81
N ASP A 66 -11.16 -9.96 15.11
CA ASP A 66 -11.53 -8.53 15.37
C ASP A 66 -10.49 -7.61 14.83
N ASP A 67 -10.75 -6.41 14.44
CA ASP A 67 -9.77 -5.45 13.93
C ASP A 67 -8.49 -5.27 14.70
N LYS A 68 -8.51 -5.22 16.02
CA LYS A 68 -7.30 -4.95 16.81
C LYS A 68 -6.35 -6.13 16.91
N VAL A 69 -6.70 -7.35 16.50
CA VAL A 69 -5.90 -8.53 16.63
C VAL A 69 -5.07 -8.78 15.38
N VAL A 70 -5.42 -8.11 14.31
CA VAL A 70 -4.79 -8.29 13.00
C VAL A 70 -3.29 -8.23 13.01
N GLU A 71 -2.77 -7.12 13.59
CA GLU A 71 -1.32 -6.98 13.63
C GLU A 71 -0.65 -8.17 14.31
N GLN A 72 -1.06 -8.64 15.46
CA GLN A 72 -0.38 -9.75 16.12
C GLN A 72 -0.68 -11.11 15.45
N ALA A 73 -1.80 -11.18 14.73
CA ALA A 73 -2.11 -12.41 13.96
C ALA A 73 -1.13 -12.50 12.80
N VAL A 74 -0.94 -11.39 12.08
CA VAL A 74 0.04 -11.30 11.01
C VAL A 74 1.45 -11.52 11.51
N ASP A 75 1.76 -10.91 12.67
CA ASP A 75 3.05 -11.11 13.28
C ASP A 75 3.32 -12.57 13.54
N ALA A 76 2.35 -13.23 14.18
CA ALA A 76 2.55 -14.66 14.47
C ALA A 76 2.69 -15.55 13.23
N ILE A 77 2.01 -15.20 12.12
CA ILE A 77 2.14 -16.09 10.94
C ILE A 77 3.56 -15.92 10.40
N ILE A 78 4.03 -14.68 10.36
CA ILE A 78 5.37 -14.40 9.88
C ILE A 78 6.41 -15.13 10.71
N LYS A 79 6.22 -15.06 12.02
CA LYS A 79 7.28 -15.69 12.82
C LYS A 79 7.39 -17.17 12.50
N ALA A 80 6.29 -17.91 12.51
CA ALA A 80 6.22 -19.33 12.26
C ALA A 80 6.60 -19.76 10.83
N ALA A 81 6.25 -19.02 9.80
CA ALA A 81 6.53 -19.53 8.44
C ALA A 81 7.78 -19.02 7.80
N ARG A 82 8.37 -17.85 8.16
CA ARG A 82 9.45 -17.28 7.39
C ARG A 82 10.69 -18.14 7.40
N THR A 83 11.32 -18.45 6.25
CA THR A 83 12.59 -19.14 6.23
C THR A 83 13.67 -18.25 5.56
N GLY A 84 13.17 -17.24 4.85
CA GLY A 84 14.02 -16.30 4.16
C GLY A 84 14.25 -16.83 2.76
N LYS A 85 13.57 -17.91 2.34
CA LYS A 85 13.70 -18.36 0.96
C LYS A 85 12.44 -18.19 0.12
N ILE A 86 12.64 -18.10 -1.21
CA ILE A 86 11.51 -18.01 -2.14
C ILE A 86 10.55 -19.15 -1.93
N GLY A 87 9.27 -18.90 -1.88
CA GLY A 87 8.31 -19.97 -1.60
C GLY A 87 7.71 -19.85 -0.21
N ASP A 88 8.14 -18.86 0.61
CA ASP A 88 7.54 -18.81 1.94
C ASP A 88 6.11 -18.37 1.93
N GLY A 89 5.67 -17.64 0.87
CA GLY A 89 4.26 -17.36 0.80
C GLY A 89 3.93 -15.89 1.04
N LYS A 90 2.61 -15.68 1.18
CA LYS A 90 2.14 -14.32 1.32
C LYS A 90 0.92 -14.26 2.23
N ILE A 91 0.68 -13.11 2.81
CA ILE A 91 -0.48 -12.93 3.65
C ILE A 91 -1.33 -11.80 3.05
N PHE A 92 -2.65 -11.93 3.10
CA PHE A 92 -3.48 -10.81 2.66
C PHE A 92 -4.52 -10.47 3.72
N VAL A 93 -4.99 -9.23 3.80
CA VAL A 93 -6.00 -8.95 4.78
C VAL A 93 -7.11 -8.11 4.14
N GLN A 94 -8.34 -8.64 4.27
CA GLN A 94 -9.55 -8.04 3.70
C GLN A 94 -10.57 -7.69 4.75
N GLU A 95 -11.44 -6.78 4.37
CA GLU A 95 -12.51 -6.38 5.25
C GLU A 95 -13.65 -7.40 5.21
N VAL A 96 -14.26 -7.67 6.34
CA VAL A 96 -15.48 -8.42 6.40
C VAL A 96 -16.59 -7.51 6.95
N GLU A 97 -17.69 -7.38 6.23
CA GLU A 97 -18.82 -6.64 6.77
C GLU A 97 -19.58 -7.35 7.87
N GLN A 98 -19.87 -8.64 7.84
CA GLN A 98 -20.56 -9.24 8.99
C GLN A 98 -20.18 -10.66 9.30
N VAL A 99 -20.27 -11.17 10.50
CA VAL A 99 -19.88 -12.52 10.91
C VAL A 99 -21.04 -12.97 11.81
N ILE A 100 -21.54 -14.17 11.56
CA ILE A 100 -22.68 -14.75 12.19
C ILE A 100 -22.19 -16.12 12.62
N ARG A 101 -22.43 -16.53 13.85
CA ARG A 101 -22.13 -17.82 14.42
C ARG A 101 -23.39 -18.69 14.38
N ILE A 102 -23.27 -19.75 13.56
CA ILE A 102 -24.49 -20.52 13.21
C ILE A 102 -25.23 -21.05 14.43
N ARG A 103 -24.56 -21.76 15.31
CA ARG A 103 -25.14 -22.32 16.50
C ARG A 103 -25.98 -21.35 17.33
N THR A 104 -25.60 -20.10 17.56
CA THR A 104 -26.37 -19.26 18.47
C THR A 104 -27.09 -18.12 17.78
N GLY A 105 -26.41 -17.52 16.80
CA GLY A 105 -26.94 -16.34 16.10
C GLY A 105 -26.14 -15.11 16.58
N GLU A 106 -25.08 -15.30 17.36
CA GLU A 106 -24.26 -14.12 17.71
C GLU A 106 -23.62 -13.53 16.46
N THR A 107 -23.70 -12.21 16.36
CA THR A 107 -23.17 -11.49 15.22
C THR A 107 -22.01 -10.62 15.75
N GLY A 108 -21.24 -10.08 14.80
CA GLY A 108 -20.10 -9.25 15.11
C GLY A 108 -19.01 -9.84 15.97
N PRO A 109 -18.51 -9.00 16.89
CA PRO A 109 -17.37 -9.33 17.74
C PRO A 109 -17.67 -10.39 18.79
N ASP A 110 -18.95 -10.64 19.04
CA ASP A 110 -19.43 -11.74 19.85
C ASP A 110 -19.29 -13.04 19.03
N ALA A 111 -19.30 -12.94 17.69
CA ALA A 111 -19.22 -14.06 16.78
C ALA A 111 -17.79 -14.47 16.44
N VAL A 112 -16.81 -13.64 16.79
CA VAL A 112 -15.44 -14.04 16.46
C VAL A 112 -14.80 -14.86 17.56
N MET B 1 -23.56 -5.72 -4.44
CA MET B 1 -23.26 -7.17 -4.63
C MET B 1 -22.46 -7.66 -3.43
N LYS B 2 -22.90 -8.76 -2.85
CA LYS B 2 -22.23 -9.31 -1.70
C LYS B 2 -21.82 -10.77 -1.92
N GLN B 3 -20.69 -11.13 -1.35
CA GLN B 3 -20.28 -12.53 -1.30
C GLN B 3 -20.66 -13.09 0.07
N VAL B 4 -21.50 -14.11 0.07
CA VAL B 4 -21.85 -14.73 1.35
C VAL B 4 -21.01 -15.99 1.43
N THR B 5 -20.36 -16.26 2.54
CA THR B 5 -19.60 -17.47 2.74
C THR B 5 -20.01 -18.25 3.98
N ALA B 6 -20.22 -19.58 3.86
CA ALA B 6 -20.59 -20.27 5.11
C ALA B 6 -19.64 -21.47 5.21
N ILE B 7 -19.29 -21.78 6.45
CA ILE B 7 -18.43 -22.99 6.61
C ILE B 7 -19.28 -23.90 7.48
N ILE B 8 -19.63 -25.08 6.97
CA ILE B 8 -20.69 -25.84 7.61
C ILE B 8 -20.23 -27.29 7.70
N LYS B 9 -21.00 -28.05 8.48
CA LYS B 9 -20.64 -29.49 8.54
C LYS B 9 -21.05 -30.14 7.20
N PRO B 10 -20.24 -31.06 6.72
CA PRO B 10 -20.37 -31.64 5.36
C PRO B 10 -21.70 -32.35 5.08
N PHE B 11 -22.36 -32.92 6.09
CA PHE B 11 -23.63 -33.60 5.86
C PHE B 11 -24.79 -32.63 5.83
N LYS B 12 -24.53 -31.29 5.97
CA LYS B 12 -25.64 -30.37 5.90
C LYS B 12 -25.74 -29.72 4.51
N LEU B 13 -24.83 -30.00 3.59
CA LEU B 13 -24.86 -29.37 2.29
C LEU B 13 -26.14 -29.56 1.47
N ASP B 14 -26.74 -30.73 1.43
CA ASP B 14 -27.95 -30.86 0.61
C ASP B 14 -29.04 -30.00 1.20
N GLU B 15 -29.12 -30.06 2.54
CA GLU B 15 -30.17 -29.36 3.22
C GLU B 15 -30.00 -27.88 3.06
N VAL B 16 -28.72 -27.42 3.10
CA VAL B 16 -28.51 -25.96 2.93
C VAL B 16 -28.91 -25.56 1.51
N ARG B 17 -28.49 -26.40 0.61
CA ARG B 17 -28.73 -26.05 -0.81
C ARG B 17 -30.25 -26.03 -1.09
N GLU B 18 -31.01 -26.95 -0.55
CA GLU B 18 -32.47 -26.93 -0.64
C GLU B 18 -33.09 -25.67 -0.06
N SER B 19 -32.65 -25.23 1.13
CA SER B 19 -33.13 -23.99 1.77
C SER B 19 -32.87 -22.76 0.91
N LEU B 20 -31.70 -22.71 0.24
CA LEU B 20 -31.26 -21.56 -0.55
C LEU B 20 -32.11 -21.44 -1.84
N ALA B 21 -32.41 -22.56 -2.50
CA ALA B 21 -33.28 -22.63 -3.66
C ALA B 21 -34.66 -22.04 -3.36
N GLU B 22 -35.24 -22.32 -2.18
CA GLU B 22 -36.51 -21.76 -1.76
C GLU B 22 -36.52 -20.24 -1.69
N VAL B 23 -35.39 -19.57 -1.47
CA VAL B 23 -35.32 -18.12 -1.53
C VAL B 23 -34.69 -17.65 -2.82
N GLY B 24 -34.61 -18.55 -3.82
CA GLY B 24 -34.10 -18.13 -5.11
C GLY B 24 -32.61 -18.10 -5.37
N VAL B 25 -31.77 -18.55 -4.44
CA VAL B 25 -30.30 -18.58 -4.65
C VAL B 25 -29.87 -19.96 -5.07
N THR B 26 -29.35 -20.12 -6.29
CA THR B 26 -28.96 -21.44 -6.81
C THR B 26 -27.53 -21.64 -7.29
N GLY B 27 -26.77 -20.62 -7.66
CA GLY B 27 -25.42 -20.95 -8.21
C GLY B 27 -24.43 -21.02 -7.03
N LEU B 28 -24.30 -22.16 -6.37
CA LEU B 28 -23.33 -22.26 -5.29
C LEU B 28 -21.97 -22.73 -5.79
N THR B 29 -20.92 -22.22 -5.11
CA THR B 29 -19.56 -22.76 -5.29
C THR B 29 -19.16 -23.41 -3.95
N VAL B 30 -18.80 -24.64 -4.03
CA VAL B 30 -18.49 -25.58 -2.95
C VAL B 30 -17.03 -26.02 -2.96
N THR B 31 -16.40 -25.84 -1.79
CA THR B 31 -14.98 -26.19 -1.60
C THR B 31 -14.83 -27.15 -0.43
N GLU B 32 -14.10 -28.24 -0.51
CA GLU B 32 -13.86 -29.11 0.61
C GLU B 32 -12.70 -28.53 1.44
N VAL B 33 -12.95 -28.26 2.73
CA VAL B 33 -11.92 -27.62 3.52
C VAL B 33 -11.79 -28.42 4.80
N LYS B 34 -10.88 -28.01 5.68
CA LYS B 34 -10.66 -28.67 6.97
C LYS B 34 -10.54 -27.65 8.10
N GLY B 35 -10.97 -28.05 9.30
CA GLY B 35 -10.86 -27.27 10.50
C GLY B 35 -10.07 -28.11 11.48
N PHE B 36 -9.89 -27.67 12.72
CA PHE B 36 -9.12 -28.44 13.65
C PHE B 36 -10.02 -29.01 14.74
N THR B 43 -5.29 -41.15 11.66
CA THR B 43 -4.30 -41.23 10.58
C THR B 43 -4.91 -40.73 9.27
N GLU B 44 -4.24 -39.87 8.55
CA GLU B 44 -4.65 -39.50 7.20
C GLU B 44 -3.44 -39.70 6.30
N LEU B 45 -3.67 -39.88 5.03
CA LEU B 45 -2.61 -40.00 4.05
C LEU B 45 -2.40 -38.64 3.39
N TYR B 46 -1.18 -38.25 3.12
CA TYR B 46 -0.92 -37.04 2.42
C TYR B 46 0.27 -37.26 1.48
N ARG B 47 -0.04 -37.22 0.16
CA ARG B 47 0.93 -37.47 -0.92
C ARG B 47 1.58 -38.84 -0.64
N GLY B 48 0.77 -39.81 -0.20
CA GLY B 48 1.25 -41.18 -0.04
C GLY B 48 1.81 -41.61 1.32
N ALA B 49 2.02 -40.68 2.25
CA ALA B 49 2.53 -41.04 3.55
C ALA B 49 1.48 -40.83 4.61
N GLU B 50 1.51 -41.65 5.66
CA GLU B 50 0.55 -41.51 6.72
C GLU B 50 0.96 -40.41 7.68
N TYR B 51 0.04 -39.65 8.20
CA TYR B 51 0.32 -38.60 9.18
C TYR B 51 -0.77 -38.73 10.23
N VAL B 52 -0.38 -38.49 11.48
CA VAL B 52 -1.41 -38.44 12.52
C VAL B 52 -1.83 -36.97 12.69
N VAL B 53 -3.12 -36.66 12.60
CA VAL B 53 -3.48 -35.22 12.53
C VAL B 53 -4.78 -35.07 13.27
N ASP B 54 -5.28 -33.89 13.47
CA ASP B 54 -6.60 -33.78 14.13
C ASP B 54 -7.54 -32.87 13.35
N PHE B 55 -7.52 -32.97 12.02
CA PHE B 55 -8.45 -32.27 11.17
C PHE B 55 -9.90 -32.70 11.39
N LEU B 56 -10.85 -31.83 11.16
CA LEU B 56 -12.26 -32.18 11.00
C LEU B 56 -12.62 -31.68 9.57
N PRO B 57 -13.34 -32.48 8.79
CA PRO B 57 -13.71 -32.03 7.44
C PRO B 57 -14.85 -31.05 7.52
N LYS B 58 -14.90 -30.02 6.71
CA LYS B 58 -15.98 -29.09 6.62
C LYS B 58 -16.28 -28.84 5.12
N VAL B 59 -17.31 -28.08 4.84
CA VAL B 59 -17.56 -27.63 3.48
C VAL B 59 -17.72 -26.15 3.54
N LYS B 60 -17.05 -25.48 2.62
CA LYS B 60 -17.28 -24.09 2.43
C LYS B 60 -18.23 -23.92 1.24
N ILE B 61 -19.22 -23.10 1.47
CA ILE B 61 -20.17 -22.68 0.40
C ILE B 61 -20.00 -21.24 0.06
N GLU B 62 -19.87 -20.88 -1.25
CA GLU B 62 -19.82 -19.44 -1.47
C GLU B 62 -20.89 -19.03 -2.50
N VAL B 63 -21.58 -17.93 -2.27
CA VAL B 63 -22.59 -17.43 -3.22
C VAL B 63 -22.36 -15.90 -3.30
N VAL B 64 -22.48 -15.37 -4.51
CA VAL B 64 -22.37 -13.95 -4.72
C VAL B 64 -23.78 -13.45 -5.07
N VAL B 65 -24.37 -12.58 -4.27
CA VAL B 65 -25.72 -12.11 -4.55
C VAL B 65 -25.92 -10.60 -4.50
N ASP B 66 -27.14 -10.26 -4.93
CA ASP B 66 -27.57 -8.86 -4.86
C ASP B 66 -27.76 -8.42 -3.41
N ASP B 67 -27.42 -7.17 -3.08
CA ASP B 67 -27.52 -6.70 -1.70
C ASP B 67 -28.86 -6.96 -1.03
N LYS B 68 -29.94 -6.89 -1.79
CA LYS B 68 -31.29 -7.04 -1.33
C LYS B 68 -31.58 -8.46 -0.86
N VAL B 69 -30.88 -9.41 -1.44
CA VAL B 69 -31.06 -10.84 -1.17
C VAL B 69 -30.26 -11.34 0.01
N VAL B 70 -29.29 -10.62 0.60
CA VAL B 70 -28.36 -11.14 1.60
C VAL B 70 -29.03 -11.68 2.86
N GLU B 71 -29.96 -10.89 3.39
CA GLU B 71 -30.55 -11.20 4.70
C GLU B 71 -31.42 -12.45 4.61
N GLN B 72 -32.08 -12.57 3.47
CA GLN B 72 -32.83 -13.83 3.26
C GLN B 72 -31.87 -14.98 2.90
N ALA B 73 -30.71 -14.75 2.29
CA ALA B 73 -29.77 -15.89 2.03
C ALA B 73 -29.20 -16.36 3.37
N VAL B 74 -28.86 -15.36 4.23
CA VAL B 74 -28.21 -15.65 5.50
C VAL B 74 -29.14 -16.48 6.41
N ASP B 75 -30.37 -16.02 6.47
CA ASP B 75 -31.45 -16.67 7.20
C ASP B 75 -31.68 -18.11 6.72
N ALA B 76 -31.75 -18.28 5.41
CA ALA B 76 -31.85 -19.61 4.83
C ALA B 76 -30.65 -20.49 5.25
N ILE B 77 -29.40 -19.98 5.31
CA ILE B 77 -28.32 -20.94 5.69
C ILE B 77 -28.35 -21.35 7.14
N ILE B 78 -28.60 -20.33 8.00
CA ILE B 78 -28.63 -20.56 9.43
C ILE B 78 -29.64 -21.64 9.75
N LYS B 79 -30.87 -21.44 9.28
CA LYS B 79 -31.89 -22.43 9.65
C LYS B 79 -31.55 -23.85 9.18
N ALA B 80 -30.96 -23.99 7.97
CA ALA B 80 -30.70 -25.31 7.46
C ALA B 80 -29.42 -25.89 8.07
N ALA B 81 -28.44 -25.02 8.39
CA ALA B 81 -27.18 -25.65 8.80
C ALA B 81 -27.11 -25.93 10.31
N ARG B 82 -27.89 -25.28 11.11
CA ARG B 82 -27.77 -25.51 12.53
C ARG B 82 -28.19 -26.93 13.01
N THR B 83 -27.25 -27.56 13.78
CA THR B 83 -27.61 -28.83 14.50
C THR B 83 -27.81 -28.52 15.98
N GLY B 84 -27.33 -27.37 16.44
CA GLY B 84 -27.44 -27.00 17.84
C GLY B 84 -26.19 -27.42 18.64
N LYS B 85 -25.25 -28.01 17.92
CA LYS B 85 -24.05 -28.48 18.52
C LYS B 85 -22.90 -27.54 18.26
N ILE B 86 -21.80 -27.76 18.96
CA ILE B 86 -20.59 -26.99 18.79
C ILE B 86 -19.98 -27.40 17.45
N GLY B 87 -19.44 -26.45 16.69
CA GLY B 87 -18.88 -26.80 15.40
C GLY B 87 -19.87 -26.57 14.25
N ASP B 88 -21.01 -25.97 14.51
CA ASP B 88 -21.99 -25.72 13.45
C ASP B 88 -21.41 -24.79 12.39
N GLY B 89 -20.45 -23.92 12.78
CA GLY B 89 -19.81 -23.06 11.79
C GLY B 89 -20.11 -21.55 11.91
N LYS B 90 -19.89 -20.88 10.77
CA LYS B 90 -20.02 -19.44 10.68
C LYS B 90 -20.26 -18.94 9.26
N ILE B 91 -20.95 -17.81 9.18
CA ILE B 91 -21.25 -17.16 7.92
C ILE B 91 -20.60 -15.80 7.92
N PHE B 92 -20.05 -15.41 6.77
CA PHE B 92 -19.61 -14.01 6.70
C PHE B 92 -19.89 -13.44 5.32
N VAL B 93 -20.11 -12.15 5.40
CA VAL B 93 -20.48 -11.33 4.27
C VAL B 93 -19.39 -10.35 3.89
N GLN B 94 -19.13 -10.29 2.59
CA GLN B 94 -18.14 -9.38 2.06
C GLN B 94 -18.68 -8.62 0.83
N GLU B 95 -18.16 -7.41 0.68
CA GLU B 95 -18.48 -6.72 -0.56
C GLU B 95 -17.75 -7.35 -1.73
N VAL B 96 -18.36 -7.30 -2.90
CA VAL B 96 -17.75 -7.69 -4.15
C VAL B 96 -17.70 -6.43 -5.04
N GLU B 97 -16.58 -5.81 -5.36
CA GLU B 97 -16.60 -4.62 -6.19
C GLU B 97 -17.19 -4.79 -7.59
N GLN B 98 -17.03 -5.93 -8.24
CA GLN B 98 -17.47 -6.09 -9.62
C GLN B 98 -17.57 -7.55 -9.94
N VAL B 99 -18.60 -7.94 -10.64
CA VAL B 99 -18.85 -9.29 -11.07
C VAL B 99 -18.97 -9.28 -12.60
N ILE B 100 -18.19 -10.10 -13.29
CA ILE B 100 -18.28 -10.11 -14.75
C ILE B 100 -18.70 -11.51 -15.18
N ARG B 101 -19.64 -11.68 -16.08
CA ARG B 101 -19.96 -12.98 -16.66
C ARG B 101 -19.06 -13.16 -17.90
N ILE B 102 -18.37 -14.25 -17.99
CA ILE B 102 -17.34 -14.42 -19.02
C ILE B 102 -17.90 -14.51 -20.44
N ARG B 103 -18.88 -15.38 -20.63
CA ARG B 103 -19.49 -15.63 -21.94
C ARG B 103 -19.90 -14.37 -22.72
N THR B 104 -20.53 -13.47 -21.96
CA THR B 104 -21.13 -12.26 -22.46
C THR B 104 -20.35 -10.94 -22.21
N GLY B 105 -19.96 -10.72 -20.96
CA GLY B 105 -19.35 -9.42 -20.61
C GLY B 105 -20.36 -8.68 -19.74
N GLU B 106 -21.48 -9.33 -19.45
CA GLU B 106 -22.43 -8.73 -18.49
C GLU B 106 -21.71 -8.49 -17.16
N THR B 107 -22.06 -7.44 -16.45
CA THR B 107 -21.41 -7.00 -15.24
C THR B 107 -22.40 -6.50 -14.21
N MET C 1 -4.90 -2.35 -4.01
CA MET C 1 -4.68 -3.70 -4.58
C MET C 1 -6.01 -4.48 -4.56
N LYS C 2 -6.13 -5.36 -5.56
CA LYS C 2 -7.34 -6.12 -5.80
C LYS C 2 -7.08 -7.56 -5.85
N GLN C 3 -8.11 -8.32 -5.45
CA GLN C 3 -8.07 -9.75 -5.60
C GLN C 3 -9.01 -10.05 -6.75
N VAL C 4 -8.45 -10.68 -7.78
CA VAL C 4 -9.28 -11.07 -8.93
C VAL C 4 -9.59 -12.56 -8.83
N THR C 5 -10.86 -12.92 -8.77
CA THR C 5 -11.19 -14.33 -8.71
C THR C 5 -11.88 -14.74 -10.01
N ALA C 6 -11.58 -15.96 -10.49
CA ALA C 6 -12.22 -16.43 -11.66
C ALA C 6 -12.64 -17.88 -11.43
N ILE C 7 -13.86 -18.25 -11.77
CA ILE C 7 -14.30 -19.64 -11.68
C ILE C 7 -14.43 -20.06 -13.14
N ILE C 8 -13.69 -21.02 -13.64
CA ILE C 8 -13.64 -21.36 -15.06
C ILE C 8 -13.72 -22.86 -15.20
N LYS C 9 -13.87 -23.31 -16.45
CA LYS C 9 -13.92 -24.76 -16.73
C LYS C 9 -12.47 -25.25 -16.66
N PRO C 10 -12.23 -26.39 -16.08
CA PRO C 10 -10.89 -26.90 -15.87
C PRO C 10 -9.97 -26.92 -17.07
N PHE C 11 -10.54 -27.20 -18.26
CA PHE C 11 -9.65 -27.34 -19.44
C PHE C 11 -9.11 -25.97 -19.83
N LYS C 12 -9.69 -24.86 -19.34
CA LYS C 12 -9.09 -23.57 -19.70
C LYS C 12 -7.96 -23.08 -18.84
N LEU C 13 -7.57 -23.85 -17.81
CA LEU C 13 -6.56 -23.36 -16.86
C LEU C 13 -5.32 -22.99 -17.65
N ASP C 14 -4.84 -23.95 -18.50
CA ASP C 14 -3.59 -23.66 -19.19
C ASP C 14 -3.66 -22.37 -20.00
N GLU C 15 -4.73 -22.06 -20.70
CA GLU C 15 -4.79 -20.91 -21.56
C GLU C 15 -4.91 -19.63 -20.75
N VAL C 16 -5.68 -19.85 -19.64
CA VAL C 16 -5.83 -18.67 -18.77
C VAL C 16 -4.51 -18.25 -18.20
N ARG C 17 -3.75 -19.28 -17.69
CA ARG C 17 -2.52 -18.89 -17.03
C ARG C 17 -1.56 -18.30 -18.05
N GLU C 18 -1.60 -18.78 -19.30
CA GLU C 18 -0.72 -18.23 -20.35
C GLU C 18 -1.06 -16.79 -20.68
N SER C 19 -2.36 -16.52 -20.84
CA SER C 19 -2.70 -15.11 -21.16
C SER C 19 -2.42 -14.19 -19.98
N LEU C 20 -2.60 -14.66 -18.74
CA LEU C 20 -2.23 -13.77 -17.61
C LEU C 20 -0.75 -13.41 -17.62
N ALA C 21 0.07 -14.44 -17.85
CA ALA C 21 1.51 -14.38 -17.89
C ALA C 21 2.01 -13.40 -18.96
N GLU C 22 1.26 -13.28 -20.05
CA GLU C 22 1.62 -12.37 -21.11
C GLU C 22 1.38 -10.91 -20.73
N VAL C 23 0.54 -10.63 -19.74
CA VAL C 23 0.43 -9.24 -19.28
C VAL C 23 1.22 -9.06 -17.98
N GLY C 24 2.07 -10.00 -17.64
CA GLY C 24 2.88 -9.96 -16.46
C GLY C 24 2.14 -10.38 -15.21
N VAL C 25 1.00 -11.03 -15.21
CA VAL C 25 0.43 -11.38 -13.88
C VAL C 25 0.73 -12.86 -13.59
N THR C 26 1.53 -13.09 -12.54
CA THR C 26 1.74 -14.48 -12.12
C THR C 26 1.40 -14.51 -10.63
N GLY C 27 1.81 -15.54 -9.91
CA GLY C 27 1.44 -15.62 -8.49
C GLY C 27 -0.03 -16.08 -8.40
N LEU C 28 -0.47 -17.01 -9.24
CA LEU C 28 -1.86 -17.49 -9.13
C LEU C 28 -2.01 -18.53 -8.02
N THR C 29 -3.19 -18.67 -7.45
CA THR C 29 -3.50 -19.76 -6.57
C THR C 29 -4.65 -20.54 -7.21
N VAL C 30 -4.66 -21.83 -7.24
CA VAL C 30 -5.76 -22.55 -7.92
C VAL C 30 -6.37 -23.56 -6.96
N THR C 31 -7.67 -23.63 -6.91
CA THR C 31 -8.40 -24.54 -6.05
C THR C 31 -9.45 -25.29 -6.91
N GLU C 32 -9.60 -26.55 -6.72
CA GLU C 32 -10.64 -27.37 -7.37
C GLU C 32 -11.92 -27.21 -6.55
N VAL C 33 -12.96 -26.77 -7.26
CA VAL C 33 -14.21 -26.50 -6.57
C VAL C 33 -15.30 -27.25 -7.35
N LYS C 34 -16.47 -27.28 -6.80
CA LYS C 34 -17.68 -27.88 -7.38
C LYS C 34 -18.68 -26.75 -7.54
N GLY C 35 -19.24 -26.60 -8.74
CA GLY C 35 -20.25 -25.62 -9.07
C GLY C 35 -21.61 -26.31 -9.05
N PHE C 36 -22.57 -25.85 -8.28
CA PHE C 36 -23.91 -26.38 -8.22
C PHE C 36 -24.79 -25.35 -8.93
N PRO C 57 -17.43 -29.98 -12.00
CA PRO C 57 -16.08 -29.67 -11.52
C PRO C 57 -15.68 -28.35 -12.12
N LYS C 58 -15.21 -27.37 -11.33
CA LYS C 58 -14.65 -26.16 -11.88
C LYS C 58 -13.22 -25.96 -11.31
N VAL C 59 -12.55 -24.90 -11.72
CA VAL C 59 -11.28 -24.48 -11.10
C VAL C 59 -11.45 -23.05 -10.69
N LYS C 60 -11.12 -22.73 -9.46
CA LYS C 60 -11.10 -21.31 -9.07
C LYS C 60 -9.67 -20.81 -9.17
N ILE C 61 -9.54 -19.56 -9.69
CA ILE C 61 -8.20 -18.98 -9.76
C ILE C 61 -8.25 -17.72 -8.96
N GLU C 62 -7.22 -17.44 -8.15
CA GLU C 62 -7.21 -16.23 -7.36
C GLU C 62 -5.88 -15.53 -7.60
N VAL C 63 -5.89 -14.24 -7.81
CA VAL C 63 -4.65 -13.49 -8.00
C VAL C 63 -4.82 -12.10 -7.39
N VAL C 64 -3.86 -11.66 -6.60
CA VAL C 64 -3.89 -10.35 -5.96
C VAL C 64 -2.90 -9.43 -6.70
N VAL C 65 -3.45 -8.47 -7.45
CA VAL C 65 -2.73 -7.51 -8.23
C VAL C 65 -2.85 -6.02 -7.80
N ASP C 66 -1.91 -5.29 -8.42
CA ASP C 66 -1.85 -3.84 -8.24
C ASP C 66 -3.07 -3.28 -8.96
N ASP C 67 -3.65 -2.21 -8.39
CA ASP C 67 -4.79 -1.54 -9.02
C ASP C 67 -4.50 -1.15 -10.45
N LYS C 68 -3.26 -0.73 -10.66
CA LYS C 68 -2.80 -0.32 -12.00
C LYS C 68 -2.94 -1.45 -13.03
N VAL C 69 -3.07 -2.76 -12.74
CA VAL C 69 -3.27 -3.76 -13.77
C VAL C 69 -4.55 -4.56 -13.73
N VAL C 70 -5.56 -4.18 -12.94
CA VAL C 70 -6.75 -5.06 -12.86
C VAL C 70 -7.42 -5.15 -14.20
N GLU C 71 -7.43 -4.05 -14.98
CA GLU C 71 -8.21 -4.06 -16.22
C GLU C 71 -7.62 -5.04 -17.23
N GLN C 72 -6.32 -4.96 -17.42
CA GLN C 72 -5.54 -5.86 -18.20
C GLN C 72 -5.73 -7.32 -17.75
N ALA C 73 -5.61 -7.58 -16.46
CA ALA C 73 -5.80 -8.97 -15.96
C ALA C 73 -7.22 -9.45 -16.21
N VAL C 74 -8.23 -8.58 -16.02
CA VAL C 74 -9.60 -9.14 -16.21
C VAL C 74 -9.87 -9.49 -17.67
N ASP C 75 -9.33 -8.59 -18.51
CA ASP C 75 -9.45 -8.77 -19.94
C ASP C 75 -8.71 -9.97 -20.48
N ALA C 76 -7.51 -10.20 -19.98
CA ALA C 76 -6.78 -11.44 -20.35
C ALA C 76 -7.52 -12.67 -19.88
N ILE C 77 -8.21 -12.66 -18.71
CA ILE C 77 -8.98 -13.86 -18.36
C ILE C 77 -10.15 -14.02 -19.35
N ILE C 78 -10.89 -12.90 -19.51
CA ILE C 78 -12.01 -13.00 -20.48
C ILE C 78 -11.47 -13.44 -21.87
N LYS C 79 -10.39 -12.83 -22.37
CA LYS C 79 -9.86 -13.28 -23.65
C LYS C 79 -9.67 -14.78 -23.71
N ALA C 80 -8.98 -15.37 -22.70
CA ALA C 80 -8.71 -16.81 -22.81
C ALA C 80 -9.83 -17.76 -22.45
N ALA C 81 -10.69 -17.47 -21.45
CA ALA C 81 -11.62 -18.57 -21.07
C ALA C 81 -12.95 -18.61 -21.82
N ARG C 82 -13.24 -17.54 -22.56
CA ARG C 82 -14.50 -17.39 -23.23
C ARG C 82 -14.55 -18.41 -24.38
N THR C 83 -15.31 -19.47 -24.16
CA THR C 83 -15.51 -20.45 -25.23
C THR C 83 -16.69 -19.89 -26.02
N GLY C 84 -17.72 -19.48 -25.28
CA GLY C 84 -18.91 -18.91 -25.90
C GLY C 84 -20.17 -19.68 -25.55
N LYS C 85 -20.04 -20.95 -25.14
CA LYS C 85 -21.18 -21.75 -24.73
C LYS C 85 -21.48 -21.51 -23.26
N ILE C 86 -22.66 -21.94 -22.83
CA ILE C 86 -23.18 -21.76 -21.48
C ILE C 86 -22.22 -22.33 -20.45
N GLY C 87 -21.97 -21.63 -19.33
CA GLY C 87 -21.02 -22.10 -18.35
C GLY C 87 -19.57 -21.66 -18.39
N ASP C 88 -19.13 -20.69 -19.17
CA ASP C 88 -17.79 -20.12 -19.17
C ASP C 88 -17.29 -19.57 -17.82
N GLY C 89 -18.14 -19.25 -16.88
CA GLY C 89 -17.89 -18.85 -15.53
C GLY C 89 -17.94 -17.36 -15.28
N LYS C 90 -17.50 -16.97 -14.09
CA LYS C 90 -17.55 -15.53 -13.76
C LYS C 90 -16.17 -15.13 -13.23
N ILE C 91 -16.05 -13.85 -13.10
CA ILE C 91 -14.86 -13.19 -12.54
C ILE C 91 -15.36 -12.25 -11.46
N PHE C 92 -14.65 -12.08 -10.36
CA PHE C 92 -15.16 -11.21 -9.29
C PHE C 92 -13.95 -10.38 -8.90
N VAL C 93 -14.16 -9.17 -8.42
CA VAL C 93 -13.09 -8.24 -8.09
C VAL C 93 -13.36 -7.75 -6.65
N GLN C 94 -12.38 -7.79 -5.77
CA GLN C 94 -12.61 -7.34 -4.39
C GLN C 94 -11.38 -6.55 -3.97
N GLU C 95 -11.53 -5.60 -3.11
CA GLU C 95 -10.40 -4.88 -2.56
C GLU C 95 -9.57 -5.73 -1.60
N VAL C 96 -8.27 -5.45 -1.57
CA VAL C 96 -7.42 -6.04 -0.58
C VAL C 96 -6.83 -4.87 0.22
N GLU C 97 -7.02 -4.79 1.52
CA GLU C 97 -6.44 -3.78 2.38
C GLU C 97 -4.91 -3.81 2.46
N GLN C 98 -4.38 -5.03 2.62
CA GLN C 98 -2.95 -5.21 2.69
C GLN C 98 -2.42 -6.58 2.21
N VAL C 99 -1.23 -6.52 1.62
CA VAL C 99 -0.52 -7.69 1.14
C VAL C 99 0.87 -7.70 1.74
N ILE C 100 1.23 -8.83 2.38
CA ILE C 100 2.57 -8.94 2.95
C ILE C 100 3.32 -10.12 2.36
N ARG C 101 4.53 -9.95 1.89
CA ARG C 101 5.37 -11.09 1.47
C ARG C 101 6.10 -11.64 2.68
N ILE C 102 5.94 -12.92 2.96
CA ILE C 102 6.51 -13.56 4.14
C ILE C 102 8.04 -13.54 4.24
N ARG C 103 8.76 -13.78 3.19
CA ARG C 103 10.20 -14.00 3.15
C ARG C 103 10.96 -12.73 3.59
N THR C 104 10.45 -11.59 3.15
CA THR C 104 11.07 -10.30 3.34
C THR C 104 10.29 -9.35 4.21
N GLY C 105 8.98 -9.54 4.34
CA GLY C 105 8.22 -8.58 5.14
C GLY C 105 7.90 -7.32 4.36
N GLU C 106 8.24 -7.28 3.07
CA GLU C 106 7.74 -6.23 2.19
C GLU C 106 6.20 -6.24 2.28
N THR C 107 5.64 -5.06 2.06
CA THR C 107 4.22 -4.79 2.29
C THR C 107 3.64 -4.13 1.07
N GLY C 108 2.34 -4.05 0.91
CA GLY C 108 1.69 -3.45 -0.22
C GLY C 108 2.17 -3.77 -1.61
N PRO C 109 2.09 -2.80 -2.53
CA PRO C 109 2.44 -2.93 -3.93
C PRO C 109 3.68 -3.70 -4.27
N ASP C 110 4.79 -3.62 -3.53
CA ASP C 110 5.98 -4.39 -3.79
C ASP C 110 5.94 -5.80 -3.19
N ALA C 111 4.80 -6.18 -2.62
CA ALA C 111 4.56 -7.53 -2.16
C ALA C 111 3.92 -8.35 -3.28
N VAL C 112 3.34 -7.73 -4.31
CA VAL C 112 2.69 -8.47 -5.38
C VAL C 112 3.59 -9.57 -5.96
N MET D 1 27.16 24.90 -0.34
CA MET D 1 26.54 23.57 -0.29
C MET D 1 25.25 23.49 -1.14
N LYS D 2 24.95 22.32 -1.71
CA LYS D 2 23.73 22.22 -2.48
C LYS D 2 22.83 21.12 -2.00
N GLN D 3 21.52 21.31 -2.17
CA GLN D 3 20.63 20.20 -1.91
C GLN D 3 20.31 19.58 -3.26
N VAL D 4 20.54 18.28 -3.37
CA VAL D 4 20.18 17.58 -4.59
C VAL D 4 18.93 16.75 -4.26
N THR D 5 17.85 16.92 -5.02
CA THR D 5 16.58 16.20 -4.78
C THR D 5 16.17 15.36 -5.99
N ALA D 6 15.80 14.10 -5.82
CA ALA D 6 15.37 13.33 -6.99
C ALA D 6 14.05 12.64 -6.75
N ILE D 7 13.10 12.70 -7.69
CA ILE D 7 11.82 11.99 -7.58
C ILE D 7 11.88 10.80 -8.52
N ILE D 8 12.09 9.61 -8.01
CA ILE D 8 12.22 8.45 -8.90
C ILE D 8 11.17 7.42 -8.66
N LYS D 9 11.16 6.34 -9.47
CA LYS D 9 10.22 5.21 -9.29
C LYS D 9 10.76 4.37 -8.12
N PRO D 10 9.86 3.81 -7.29
CA PRO D 10 10.29 3.06 -6.09
C PRO D 10 11.31 1.97 -6.30
N PHE D 11 11.10 1.20 -7.37
CA PHE D 11 11.94 0.04 -7.58
C PHE D 11 13.42 0.40 -7.89
N LYS D 12 13.75 1.60 -8.37
CA LYS D 12 15.07 2.07 -8.50
C LYS D 12 15.79 2.51 -7.20
N LEU D 13 15.25 2.42 -6.02
CA LEU D 13 15.95 3.10 -4.88
C LEU D 13 17.29 2.45 -4.51
N ASP D 14 17.27 1.12 -4.43
CA ASP D 14 18.55 0.44 -4.06
C ASP D 14 19.68 0.83 -4.97
N GLU D 15 19.35 0.80 -6.27
CA GLU D 15 20.33 1.14 -7.29
C GLU D 15 20.86 2.52 -7.19
N VAL D 16 19.95 3.51 -7.04
CA VAL D 16 20.48 4.89 -6.94
C VAL D 16 21.38 5.03 -5.70
N ARG D 17 20.95 4.44 -4.60
CA ARG D 17 21.67 4.49 -3.34
C ARG D 17 23.09 3.94 -3.53
N GLU D 18 23.24 2.78 -4.13
CA GLU D 18 24.54 2.15 -4.40
C GLU D 18 25.37 2.92 -5.41
N SER D 19 24.70 3.45 -6.46
CA SER D 19 25.46 4.30 -7.38
C SER D 19 25.95 5.56 -6.70
N LEU D 20 25.12 6.23 -5.84
CA LEU D 20 25.60 7.43 -5.14
C LEU D 20 26.70 7.06 -4.11
N ALA D 21 26.62 5.91 -3.46
CA ALA D 21 27.63 5.49 -2.49
C ALA D 21 29.01 5.26 -3.09
N GLU D 22 29.05 4.77 -4.32
CA GLU D 22 30.27 4.62 -5.08
C GLU D 22 30.92 5.95 -5.44
N VAL D 23 30.28 7.10 -5.28
CA VAL D 23 30.94 8.38 -5.51
C VAL D 23 30.99 9.12 -4.18
N GLY D 24 30.89 8.32 -3.10
CA GLY D 24 30.95 8.85 -1.75
C GLY D 24 29.83 9.69 -1.22
N VAL D 25 28.62 9.70 -1.82
CA VAL D 25 27.60 10.49 -1.14
C VAL D 25 26.72 9.44 -0.50
N THR D 26 26.54 9.50 0.83
CA THR D 26 25.78 8.47 1.50
C THR D 26 24.71 8.85 2.52
N GLY D 27 24.48 10.05 2.93
CA GLY D 27 23.41 10.14 3.92
C GLY D 27 22.09 10.46 3.24
N LEU D 28 21.37 9.50 2.72
CA LEU D 28 20.13 9.91 2.04
C LEU D 28 18.86 10.00 2.94
N THR D 29 18.02 10.98 2.67
CA THR D 29 16.72 11.00 3.30
C THR D 29 15.72 10.54 2.23
N VAL D 30 14.74 9.74 2.62
CA VAL D 30 13.80 9.23 1.67
C VAL D 30 12.39 9.53 2.11
N THR D 31 11.62 10.18 1.25
CA THR D 31 10.17 10.42 1.52
C THR D 31 9.25 9.69 0.51
N GLU D 32 8.15 9.11 0.93
CA GLU D 32 7.20 8.51 -0.03
C GLU D 32 6.22 9.59 -0.48
N VAL D 33 6.23 9.98 -1.72
CA VAL D 33 5.31 10.97 -2.27
C VAL D 33 4.39 10.39 -3.35
N LYS D 34 3.33 11.09 -3.74
CA LYS D 34 2.44 10.58 -4.84
C LYS D 34 2.36 11.60 -5.96
N GLY D 35 2.12 11.15 -7.19
CA GLY D 35 1.86 12.00 -8.35
C GLY D 35 0.64 11.42 -9.13
N PHE D 36 -0.09 12.30 -9.77
CA PHE D 36 -1.29 11.91 -10.53
C PHE D 36 -0.81 11.21 -11.80
N GLU D 50 -16.74 8.95 -13.71
CA GLU D 50 -16.46 9.65 -14.96
C GLU D 50 -15.00 9.71 -15.29
N TYR D 51 -14.14 10.09 -14.32
CA TYR D 51 -12.74 10.35 -14.76
C TYR D 51 -11.87 9.88 -13.59
N VAL D 52 -11.08 8.84 -13.84
CA VAL D 52 -10.38 8.12 -12.72
C VAL D 52 -8.92 8.06 -13.15
N VAL D 53 -7.95 8.46 -12.33
CA VAL D 53 -6.57 8.34 -12.82
C VAL D 53 -5.72 7.55 -11.79
N ASP D 54 -4.62 6.98 -12.22
CA ASP D 54 -3.62 6.27 -11.44
C ASP D 54 -3.03 7.29 -10.42
N PHE D 55 -2.97 6.98 -9.17
CA PHE D 55 -2.25 7.85 -8.21
C PHE D 55 -0.96 7.08 -7.84
N LEU D 56 0.14 7.41 -8.43
CA LEU D 56 1.30 6.55 -8.37
C LEU D 56 2.25 6.90 -7.21
N PRO D 57 2.81 5.88 -6.66
CA PRO D 57 3.78 6.02 -5.56
C PRO D 57 5.12 6.30 -6.14
N LYS D 58 5.70 7.43 -5.68
CA LYS D 58 7.06 7.75 -6.05
C LYS D 58 7.98 7.89 -4.79
N VAL D 59 9.27 7.89 -5.06
CA VAL D 59 10.20 8.14 -3.96
C VAL D 59 10.99 9.41 -4.22
N LYS D 60 10.94 10.31 -3.19
CA LYS D 60 11.78 11.48 -3.15
C LYS D 60 13.10 11.24 -2.39
N ILE D 61 14.27 11.52 -2.96
CA ILE D 61 15.54 11.32 -2.20
C ILE D 61 16.20 12.69 -2.12
N GLU D 62 16.72 13.13 -0.99
CA GLU D 62 17.28 14.47 -0.78
C GLU D 62 18.65 14.28 -0.09
N VAL D 63 19.68 14.92 -0.63
CA VAL D 63 21.02 14.76 -0.06
C VAL D 63 21.67 16.16 -0.18
N VAL D 64 22.33 16.56 0.88
CA VAL D 64 23.02 17.84 0.90
C VAL D 64 24.50 17.55 0.73
N VAL D 65 25.09 18.22 -0.25
CA VAL D 65 26.45 17.93 -0.69
C VAL D 65 27.17 19.23 -1.02
N ASP D 66 28.51 19.07 -1.04
CA ASP D 66 29.44 20.18 -1.32
C ASP D 66 29.33 20.54 -2.79
N ASP D 67 29.46 21.78 -3.18
CA ASP D 67 29.28 22.30 -4.49
C ASP D 67 30.10 21.51 -5.51
N LYS D 68 31.31 21.09 -5.13
CA LYS D 68 32.10 20.37 -6.12
C LYS D 68 31.59 18.96 -6.34
N VAL D 69 30.66 18.36 -5.62
CA VAL D 69 30.24 16.99 -5.97
C VAL D 69 28.89 16.96 -6.70
N VAL D 70 28.16 18.05 -6.81
CA VAL D 70 26.81 18.04 -7.42
C VAL D 70 26.81 17.29 -8.76
N GLU D 71 27.70 17.66 -9.70
CA GLU D 71 27.72 16.94 -10.98
C GLU D 71 27.92 15.44 -10.89
N GLN D 72 28.81 14.92 -10.05
CA GLN D 72 28.99 13.46 -9.99
C GLN D 72 27.77 12.81 -9.35
N ALA D 73 27.22 13.50 -8.34
CA ALA D 73 25.99 13.07 -7.69
C ALA D 73 24.84 13.03 -8.72
N VAL D 74 24.58 14.10 -9.45
CA VAL D 74 23.54 14.11 -10.49
C VAL D 74 23.72 13.01 -11.52
N ASP D 75 24.98 12.73 -11.89
CA ASP D 75 25.39 11.76 -12.86
C ASP D 75 25.17 10.33 -12.42
N ALA D 76 25.48 10.13 -11.12
CA ALA D 76 25.22 8.84 -10.53
C ALA D 76 23.73 8.55 -10.51
N ILE D 77 22.86 9.51 -10.14
CA ILE D 77 21.42 9.21 -10.14
C ILE D 77 20.89 8.92 -11.56
N ILE D 78 21.24 9.76 -12.52
CA ILE D 78 20.81 9.53 -13.91
C ILE D 78 21.21 8.13 -14.38
N LYS D 79 22.49 7.81 -14.27
CA LYS D 79 22.97 6.48 -14.63
C LYS D 79 22.13 5.39 -14.00
N ALA D 80 21.81 5.42 -12.70
CA ALA D 80 21.03 4.31 -12.16
C ALA D 80 19.51 4.38 -12.25
N ALA D 81 18.91 5.54 -12.37
CA ALA D 81 17.47 5.72 -12.34
C ALA D 81 16.80 5.70 -13.71
N ARG D 82 17.55 5.98 -14.77
CA ARG D 82 17.05 6.04 -16.12
C ARG D 82 16.61 4.67 -16.65
N THR D 83 15.40 4.53 -17.17
CA THR D 83 14.96 3.32 -17.81
C THR D 83 14.57 3.49 -19.29
N GLY D 84 14.22 4.70 -19.71
CA GLY D 84 13.78 4.98 -21.07
C GLY D 84 12.26 5.17 -21.07
N LYS D 85 11.58 4.62 -20.08
CA LYS D 85 10.15 4.74 -19.97
C LYS D 85 9.77 6.10 -19.38
N ILE D 86 8.53 6.46 -19.67
CA ILE D 86 7.98 7.70 -19.18
C ILE D 86 7.87 7.67 -17.67
N GLY D 87 8.08 8.81 -17.01
CA GLY D 87 7.94 8.85 -15.59
C GLY D 87 9.20 8.42 -14.84
N ASP D 88 10.35 8.49 -15.48
CA ASP D 88 11.60 8.14 -14.80
C ASP D 88 11.89 9.13 -13.69
N GLY D 89 11.35 10.33 -13.80
CA GLY D 89 11.53 11.32 -12.75
C GLY D 89 12.42 12.50 -13.13
N LYS D 90 12.64 13.34 -12.11
CA LYS D 90 13.48 14.56 -12.25
C LYS D 90 14.40 14.80 -11.06
N ILE D 91 15.45 15.61 -11.33
CA ILE D 91 16.43 16.02 -10.33
C ILE D 91 16.41 17.54 -10.24
N PHE D 92 16.41 18.08 -9.03
CA PHE D 92 16.44 19.52 -8.84
C PHE D 92 17.67 19.89 -7.96
N VAL D 93 18.20 21.05 -8.14
CA VAL D 93 19.40 21.51 -7.41
C VAL D 93 19.11 22.85 -6.75
N GLN D 94 19.32 22.94 -5.42
CA GLN D 94 19.03 24.22 -4.76
C GLN D 94 20.21 24.59 -3.83
N GLU D 95 20.35 25.86 -3.52
CA GLU D 95 21.45 26.26 -2.64
C GLU D 95 21.06 26.04 -1.17
N VAL D 96 22.06 25.56 -0.39
CA VAL D 96 21.79 25.47 1.08
C VAL D 96 22.62 26.51 1.85
N GLU D 97 22.07 27.50 2.53
CA GLU D 97 22.96 28.54 3.11
C GLU D 97 23.78 27.94 4.27
N GLN D 98 23.28 27.02 5.11
CA GLN D 98 24.07 26.49 6.23
C GLN D 98 23.66 25.05 6.48
N VAL D 99 24.59 24.20 6.90
CA VAL D 99 24.34 22.88 7.34
C VAL D 99 24.99 22.72 8.73
N ILE D 100 24.41 21.99 9.65
CA ILE D 100 24.94 21.75 10.99
C ILE D 100 24.75 20.33 11.36
N ARG D 101 25.83 19.64 11.71
CA ARG D 101 25.70 18.25 12.13
C ARG D 101 25.39 18.33 13.63
N ILE D 102 24.32 17.76 14.11
CA ILE D 102 23.75 17.82 15.44
C ILE D 102 24.64 17.14 16.52
N ARG D 103 25.29 16.07 16.25
CA ARG D 103 26.07 15.34 17.23
C ARG D 103 27.37 16.13 17.63
N THR D 104 27.96 16.80 16.67
CA THR D 104 29.26 17.42 16.79
C THR D 104 29.13 18.93 16.76
N GLY D 105 28.04 19.53 16.30
CA GLY D 105 28.04 21.00 16.11
C GLY D 105 28.96 21.39 14.95
N GLU D 106 29.49 20.49 14.13
CA GLU D 106 30.15 20.93 12.89
C GLU D 106 29.25 21.69 11.92
N THR D 107 29.85 22.62 11.12
CA THR D 107 29.07 23.44 10.24
C THR D 107 29.75 23.49 8.86
N GLY D 108 28.98 23.97 7.89
CA GLY D 108 29.47 24.17 6.55
C GLY D 108 29.99 22.94 5.87
N PRO D 109 31.16 23.07 5.22
CA PRO D 109 31.84 22.02 4.52
C PRO D 109 32.23 20.91 5.44
N ASP D 110 32.59 21.19 6.73
CA ASP D 110 32.83 20.04 7.66
C ASP D 110 31.62 19.19 7.99
N ALA D 111 30.38 19.70 7.79
CA ALA D 111 29.14 18.98 8.05
C ALA D 111 28.51 18.14 6.95
N VAL D 112 29.03 18.14 5.74
CA VAL D 112 28.44 17.35 4.67
C VAL D 112 29.13 16.01 4.50
N MET E 1 13.25 35.89 5.15
CA MET E 1 12.65 34.65 5.68
C MET E 1 13.50 33.45 5.33
N LYS E 2 13.57 32.52 6.25
CA LYS E 2 14.38 31.34 6.03
C LYS E 2 13.59 30.09 6.36
N GLN E 3 14.01 29.01 5.77
CA GLN E 3 13.40 27.74 6.11
C GLN E 3 14.49 26.94 6.86
N VAL E 4 14.12 26.40 8.01
CA VAL E 4 14.96 25.55 8.84
C VAL E 4 14.37 24.15 8.79
N THR E 5 15.24 23.20 8.41
CA THR E 5 14.93 21.79 8.25
C THR E 5 15.83 20.96 9.13
N ALA E 6 15.26 20.07 9.94
CA ALA E 6 16.05 19.21 10.76
C ALA E 6 15.55 17.79 10.56
N ILE E 7 16.47 16.85 10.45
CA ILE E 7 16.17 15.41 10.35
C ILE E 7 16.68 14.79 11.64
N ILE E 8 15.74 14.32 12.46
CA ILE E 8 16.09 13.82 13.79
C ILE E 8 15.54 12.46 14.08
N LYS E 9 15.95 11.83 15.16
CA LYS E 9 15.37 10.56 15.62
C LYS E 9 13.97 10.83 16.12
N PRO E 10 13.04 9.88 15.89
CA PRO E 10 11.63 10.07 16.10
C PRO E 10 11.27 10.28 17.52
N PHE E 11 12.09 9.72 18.43
CA PHE E 11 11.77 9.82 19.88
C PHE E 11 12.23 11.16 20.44
N LYS E 12 12.79 12.09 19.61
CA LYS E 12 13.19 13.41 20.01
C LYS E 12 12.20 14.48 19.67
N LEU E 13 11.13 14.04 18.95
CA LEU E 13 10.25 15.12 18.43
C LEU E 13 9.66 15.99 19.56
N ASP E 14 9.02 15.40 20.57
CA ASP E 14 8.36 16.20 21.61
C ASP E 14 9.34 17.17 22.33
N GLU E 15 10.55 16.69 22.48
CA GLU E 15 11.58 17.49 23.15
C GLU E 15 12.02 18.65 22.29
N VAL E 16 12.09 18.35 20.96
CA VAL E 16 12.46 19.44 20.03
C VAL E 16 11.33 20.44 20.03
N ARG E 17 10.10 19.96 19.98
CA ARG E 17 8.96 20.89 19.88
C ARG E 17 8.87 21.81 21.07
N GLU E 18 9.10 21.24 22.23
CA GLU E 18 9.06 22.02 23.48
C GLU E 18 10.18 23.05 23.52
N SER E 19 11.41 22.67 23.11
CA SER E 19 12.48 23.66 23.09
C SER E 19 12.25 24.73 22.01
N LEU E 20 11.64 24.42 20.88
CA LEU E 20 11.33 25.43 19.89
C LEU E 20 10.29 26.42 20.40
N ALA E 21 9.22 25.92 21.05
CA ALA E 21 8.11 26.74 21.63
C ALA E 21 8.64 27.73 22.67
N GLU E 22 9.73 27.37 23.34
CA GLU E 22 10.34 28.23 24.35
C GLU E 22 11.02 29.43 23.81
N VAL E 23 11.36 29.31 22.56
CA VAL E 23 12.09 30.31 21.88
C VAL E 23 11.18 31.04 20.87
N GLY E 24 9.89 30.78 21.06
CA GLY E 24 8.77 31.43 20.34
C GLY E 24 8.44 30.87 18.95
N VAL E 25 8.91 29.70 18.59
CA VAL E 25 8.65 29.12 17.27
C VAL E 25 7.64 28.00 17.38
N THR E 26 6.43 28.05 16.76
CA THR E 26 5.47 26.93 16.98
C THR E 26 4.82 26.28 15.75
N GLY E 27 4.76 26.87 14.57
CA GLY E 27 4.11 26.19 13.47
C GLY E 27 5.01 25.25 12.67
N LEU E 28 5.27 24.04 13.21
CA LEU E 28 6.09 23.05 12.56
C LEU E 28 5.29 22.11 11.62
N THR E 29 5.96 21.70 10.56
CA THR E 29 5.48 20.73 9.60
C THR E 29 6.38 19.54 9.81
N VAL E 30 5.78 18.41 9.99
CA VAL E 30 6.46 17.16 10.30
C VAL E 30 6.11 16.08 9.27
N THR E 31 7.16 15.52 8.69
CA THR E 31 7.05 14.46 7.71
C THR E 31 7.85 13.25 8.16
N GLU E 32 7.23 12.08 8.07
CA GLU E 32 7.90 10.85 8.41
C GLU E 32 8.80 10.44 7.24
N VAL E 33 10.09 10.36 7.49
CA VAL E 33 11.00 9.98 6.43
C VAL E 33 11.82 8.76 6.81
N LYS E 34 12.71 8.38 5.92
CA LYS E 34 13.63 7.27 6.21
C LYS E 34 15.06 7.63 5.90
N GLY E 35 15.97 7.14 6.72
CA GLY E 35 17.35 7.42 6.51
C GLY E 35 18.13 6.14 6.30
N PRO E 57 13.95 4.81 10.50
CA PRO E 57 12.87 5.79 10.55
C PRO E 57 13.35 7.07 11.19
N LYS E 58 13.10 8.22 10.58
CA LYS E 58 13.45 9.52 11.15
C LYS E 58 12.26 10.42 10.98
N VAL E 59 12.32 11.65 11.52
CA VAL E 59 11.27 12.62 11.32
C VAL E 59 11.97 13.82 10.74
N LYS E 60 11.33 14.45 9.78
CA LYS E 60 11.80 15.71 9.23
C LYS E 60 10.90 16.83 9.81
N ILE E 61 11.55 17.87 10.32
CA ILE E 61 10.72 18.95 10.87
C ILE E 61 11.03 20.16 10.00
N GLU E 62 10.03 20.97 9.58
CA GLU E 62 10.43 22.15 8.78
C GLU E 62 9.77 23.39 9.36
N VAL E 63 10.49 24.54 9.42
CA VAL E 63 9.77 25.73 9.90
C VAL E 63 10.29 26.89 9.02
N VAL E 64 9.44 27.85 8.79
CA VAL E 64 9.76 29.08 8.08
C VAL E 64 9.76 30.24 9.07
N VAL E 65 10.94 30.86 9.28
CA VAL E 65 10.93 31.93 10.30
C VAL E 65 11.54 33.19 9.71
N ASP E 66 11.35 34.26 10.46
CA ASP E 66 12.10 35.51 10.20
C ASP E 66 13.59 35.31 10.21
N ASP E 67 14.38 35.99 9.41
CA ASP E 67 15.85 35.92 9.51
C ASP E 67 16.50 36.08 10.90
N LYS E 68 15.91 36.90 11.73
CA LYS E 68 16.46 37.21 13.06
C LYS E 68 16.14 36.12 14.05
N VAL E 69 15.26 35.17 13.69
CA VAL E 69 14.98 34.07 14.62
C VAL E 69 15.82 32.84 14.27
N VAL E 70 16.54 32.82 13.16
CA VAL E 70 17.20 31.56 12.77
C VAL E 70 18.12 31.08 13.86
N GLU E 71 18.99 31.94 14.41
CA GLU E 71 20.01 31.49 15.35
C GLU E 71 19.42 30.74 16.54
N GLN E 72 18.45 31.41 17.18
CA GLN E 72 17.70 30.87 18.33
C GLN E 72 17.20 29.46 18.03
N ALA E 73 16.41 29.37 16.94
CA ALA E 73 15.81 28.10 16.54
C ALA E 73 16.86 27.01 16.30
N VAL E 74 17.94 27.27 15.55
CA VAL E 74 18.94 26.22 15.31
C VAL E 74 19.49 25.70 16.63
N ASP E 75 19.84 26.67 17.52
CA ASP E 75 20.37 26.38 18.83
C ASP E 75 19.33 25.61 19.68
N ALA E 76 18.06 25.90 19.52
CA ALA E 76 17.13 25.13 20.28
C ALA E 76 16.95 23.69 19.77
N ILE E 77 17.09 23.47 18.50
CA ILE E 77 16.98 22.15 17.94
C ILE E 77 18.18 21.33 18.33
N ILE E 78 19.34 21.90 18.27
CA ILE E 78 20.58 21.17 18.60
C ILE E 78 20.60 20.67 20.03
N LYS E 79 20.17 21.53 20.95
CA LYS E 79 20.18 21.18 22.37
C LYS E 79 19.19 20.04 22.66
N ALA E 80 18.01 20.12 22.07
CA ALA E 80 17.00 19.12 22.30
C ALA E 80 17.17 17.81 21.50
N ALA E 81 17.71 17.84 20.28
CA ALA E 81 17.79 16.58 19.51
C ALA E 81 19.05 15.75 19.75
N ARG E 82 20.12 16.37 20.25
CA ARG E 82 21.40 15.71 20.48
C ARG E 82 21.29 14.60 21.48
N THR E 83 22.10 13.59 21.25
CA THR E 83 22.13 12.41 22.06
C THR E 83 23.58 12.06 22.31
N GLY E 84 24.43 12.37 21.36
CA GLY E 84 25.83 12.05 21.51
C GLY E 84 26.14 10.75 20.75
N LYS E 85 25.11 10.12 20.19
CA LYS E 85 25.27 8.89 19.42
C LYS E 85 25.26 9.22 17.90
N ILE E 86 25.96 8.40 17.11
CA ILE E 86 26.03 8.58 15.66
C ILE E 86 24.61 8.39 15.13
N GLY E 87 24.19 9.27 14.24
CA GLY E 87 22.90 9.20 13.66
C GLY E 87 21.96 10.29 14.20
N ASP E 88 22.47 11.22 15.03
CA ASP E 88 21.59 12.23 15.59
C ASP E 88 20.95 13.12 14.51
N GLY E 89 21.55 13.32 13.36
CA GLY E 89 20.87 14.13 12.36
C GLY E 89 21.61 15.40 11.98
N LYS E 90 20.93 16.22 11.20
CA LYS E 90 21.50 17.46 10.72
C LYS E 90 20.43 18.54 10.61
N ILE E 91 20.84 19.79 10.55
CA ILE E 91 19.91 20.91 10.38
C ILE E 91 20.34 21.62 9.10
N PHE E 92 19.38 22.07 8.26
CA PHE E 92 19.75 22.89 7.10
C PHE E 92 18.93 24.17 7.12
N VAL E 93 19.60 25.21 6.60
CA VAL E 93 18.95 26.50 6.45
C VAL E 93 18.91 26.87 4.97
N GLN E 94 17.77 27.37 4.50
CA GLN E 94 17.65 27.82 3.11
C GLN E 94 16.86 29.10 3.03
N GLU E 95 17.08 29.85 1.97
CA GLU E 95 16.36 31.09 1.74
C GLU E 95 14.94 30.82 1.22
N VAL E 96 13.99 31.63 1.58
CA VAL E 96 12.64 31.57 1.03
C VAL E 96 12.36 32.92 0.42
N GLU E 97 12.08 33.04 -0.90
CA GLU E 97 11.87 34.44 -1.36
C GLU E 97 10.49 34.96 -1.00
N GLN E 98 9.49 34.13 -0.93
CA GLN E 98 8.16 34.60 -0.59
C GLN E 98 7.44 33.64 0.31
N VAL E 99 6.67 34.20 1.20
CA VAL E 99 5.80 33.40 2.06
C VAL E 99 4.41 34.09 2.03
N ILE E 100 3.35 33.32 1.78
CA ILE E 100 2.02 33.88 1.71
C ILE E 100 1.10 33.09 2.63
N ARG E 101 0.27 33.76 3.39
CA ARG E 101 -0.66 33.12 4.32
C ARG E 101 -1.94 33.01 3.53
N ILE E 102 -2.47 31.79 3.36
CA ILE E 102 -3.55 31.63 2.37
C ILE E 102 -4.80 32.39 2.75
N ARG E 103 -5.22 32.15 3.98
CA ARG E 103 -6.37 32.81 4.55
C ARG E 103 -6.37 34.31 4.33
N THR E 104 -5.35 35.12 4.49
CA THR E 104 -5.47 36.56 4.42
C THR E 104 -4.78 37.17 3.22
N GLY E 105 -3.83 36.41 2.67
CA GLY E 105 -3.00 37.03 1.62
C GLY E 105 -1.89 37.87 2.27
N MET F 1 14.12 29.18 -12.23
CA MET F 1 13.00 28.27 -11.93
C MET F 1 12.55 28.44 -10.49
N LYS F 2 11.30 28.11 -10.17
CA LYS F 2 10.83 28.39 -8.81
C LYS F 2 9.95 27.30 -8.17
N GLN F 3 10.43 26.69 -7.10
CA GLN F 3 9.64 25.68 -6.44
C GLN F 3 8.54 26.40 -5.65
N VAL F 4 7.31 25.98 -5.84
CA VAL F 4 6.16 26.56 -5.15
C VAL F 4 5.62 25.47 -4.24
N THR F 5 5.55 25.77 -2.96
CA THR F 5 5.12 24.74 -2.01
C THR F 5 3.90 25.26 -1.32
N ALA F 6 2.89 24.41 -1.20
CA ALA F 6 1.73 24.90 -0.46
C ALA F 6 1.41 23.83 0.57
N ILE F 7 1.00 24.22 1.76
CA ILE F 7 0.54 23.31 2.78
C ILE F 7 -0.91 23.62 3.04
N ILE F 8 -1.78 22.68 2.77
CA ILE F 8 -3.19 22.93 2.76
C ILE F 8 -3.98 21.83 3.45
N LYS F 9 -5.28 22.06 3.60
CA LYS F 9 -6.17 21.13 4.20
C LYS F 9 -6.44 20.11 3.12
N PRO F 10 -6.50 18.86 3.62
CA PRO F 10 -6.74 17.64 2.80
C PRO F 10 -7.88 17.61 1.79
N PHE F 11 -9.06 18.08 2.24
CA PHE F 11 -10.19 18.11 1.32
C PHE F 11 -9.93 19.15 0.21
N LYS F 12 -9.03 20.11 0.32
CA LYS F 12 -8.90 21.03 -0.84
C LYS F 12 -7.97 20.49 -1.94
N LEU F 13 -7.34 19.33 -1.77
CA LEU F 13 -6.48 18.81 -2.79
C LEU F 13 -7.03 18.85 -4.23
N ASP F 14 -8.20 18.21 -4.43
CA ASP F 14 -8.70 18.17 -5.81
C ASP F 14 -8.97 19.54 -6.39
N GLU F 15 -9.48 20.49 -5.60
CA GLU F 15 -9.78 21.84 -6.16
C GLU F 15 -8.47 22.52 -6.56
N VAL F 16 -7.43 22.33 -5.76
CA VAL F 16 -6.17 22.94 -6.05
C VAL F 16 -5.62 22.32 -7.31
N ARG F 17 -5.77 21.04 -7.50
CA ARG F 17 -5.26 20.35 -8.67
C ARG F 17 -5.85 20.91 -9.99
N GLU F 18 -7.18 21.09 -9.96
CA GLU F 18 -7.91 21.62 -11.09
C GLU F 18 -7.60 23.12 -11.36
N SER F 19 -7.47 23.95 -10.33
CA SER F 19 -7.14 25.37 -10.48
C SER F 19 -5.74 25.52 -11.07
N LEU F 20 -4.84 24.62 -10.76
CA LEU F 20 -3.51 24.69 -11.38
C LEU F 20 -3.58 24.09 -12.77
N ALA F 21 -4.37 23.03 -12.96
CA ALA F 21 -4.46 22.45 -14.32
C ALA F 21 -4.96 23.49 -15.29
N GLU F 22 -5.86 24.35 -14.77
CA GLU F 22 -6.41 25.46 -15.58
C GLU F 22 -5.39 26.39 -16.20
N VAL F 23 -4.35 26.58 -15.42
CA VAL F 23 -3.29 27.44 -15.77
C VAL F 23 -2.17 26.63 -16.39
N GLY F 24 -2.38 25.36 -16.62
CA GLY F 24 -1.40 24.59 -17.30
C GLY F 24 -0.29 24.01 -16.41
N VAL F 25 -0.45 24.02 -15.07
CA VAL F 25 0.58 23.41 -14.19
C VAL F 25 0.08 22.04 -13.76
N THR F 26 0.75 20.98 -14.18
CA THR F 26 0.22 19.65 -13.84
C THR F 26 1.20 18.72 -13.13
N GLY F 27 2.49 18.98 -13.12
CA GLY F 27 3.37 18.03 -12.46
C GLY F 27 3.44 18.20 -10.94
N LEU F 28 2.35 17.87 -10.21
CA LEU F 28 2.28 18.03 -8.74
C LEU F 28 2.90 16.86 -7.97
N THR F 29 3.61 17.15 -6.89
CA THR F 29 4.16 16.12 -6.00
C THR F 29 3.40 16.35 -4.68
N VAL F 30 2.73 15.32 -4.17
CA VAL F 30 1.89 15.41 -3.00
C VAL F 30 2.51 14.53 -1.85
N THR F 31 2.68 15.14 -0.71
CA THR F 31 3.12 14.40 0.50
C THR F 31 2.16 14.59 1.63
N GLU F 32 1.82 13.62 2.45
CA GLU F 32 0.97 13.74 3.60
C GLU F 32 1.86 14.23 4.76
N VAL F 33 1.51 15.27 5.47
CA VAL F 33 2.43 15.82 6.47
C VAL F 33 1.51 16.15 7.66
N LYS F 34 2.16 16.38 8.81
CA LYS F 34 1.33 16.78 9.98
C LYS F 34 1.71 18.15 10.45
N GLY F 35 0.74 18.99 10.78
CA GLY F 35 0.96 20.34 11.23
C GLY F 35 0.76 20.50 12.75
N PRO F 57 -3.61 16.63 10.22
CA PRO F 57 -3.13 16.09 8.93
C PRO F 57 -3.29 17.22 7.91
N LYS F 58 -2.26 17.39 7.10
CA LYS F 58 -2.26 18.34 6.03
C LYS F 58 -1.76 17.61 4.79
N VAL F 59 -1.90 18.36 3.70
CA VAL F 59 -1.25 17.88 2.48
C VAL F 59 -0.25 18.92 2.01
N LYS F 60 0.96 18.47 1.69
CA LYS F 60 1.93 19.33 1.07
C LYS F 60 1.91 19.06 -0.44
N ILE F 61 1.79 20.17 -1.19
CA ILE F 61 1.97 20.03 -2.65
C ILE F 61 3.18 20.81 -3.12
N GLU F 62 4.05 20.23 -3.96
CA GLU F 62 5.14 21.02 -4.48
C GLU F 62 5.12 21.03 -6.01
N VAL F 63 5.51 22.07 -6.72
CA VAL F 63 5.65 21.99 -8.16
C VAL F 63 6.78 23.00 -8.45
N VAL F 64 7.54 22.66 -9.43
CA VAL F 64 8.68 23.45 -9.90
C VAL F 64 8.27 24.05 -11.23
N VAL F 65 8.07 25.35 -11.36
CA VAL F 65 7.65 26.01 -12.58
C VAL F 65 8.67 27.04 -13.07
N ASP F 66 8.31 27.60 -14.24
CA ASP F 66 9.17 28.60 -14.87
C ASP F 66 8.90 29.91 -14.19
N ASP F 67 9.84 30.85 -14.10
CA ASP F 67 9.59 32.09 -13.39
C ASP F 67 8.37 32.87 -13.88
N LYS F 68 8.08 32.80 -15.18
CA LYS F 68 7.02 33.59 -15.74
C LYS F 68 5.65 33.00 -15.39
N VAL F 69 5.65 31.85 -14.70
CA VAL F 69 4.38 31.18 -14.36
C VAL F 69 4.08 31.14 -12.87
N VAL F 70 5.07 31.58 -12.05
CA VAL F 70 4.98 31.57 -10.58
C VAL F 70 3.80 32.33 -10.04
N GLU F 71 3.59 33.58 -10.46
CA GLU F 71 2.47 34.36 -9.87
C GLU F 71 1.09 33.77 -10.17
N GLN F 72 0.91 33.29 -11.42
CA GLN F 72 -0.33 32.64 -11.81
C GLN F 72 -0.53 31.41 -10.93
N ALA F 73 0.51 30.60 -10.76
CA ALA F 73 0.37 29.42 -9.95
C ALA F 73 0.02 29.72 -8.51
N VAL F 74 0.58 30.79 -7.91
CA VAL F 74 0.28 31.13 -6.52
C VAL F 74 -1.16 31.55 -6.41
N ASP F 75 -1.59 32.38 -7.33
CA ASP F 75 -2.96 32.87 -7.41
C ASP F 75 -3.97 31.70 -7.49
N ALA F 76 -3.71 30.78 -8.41
CA ALA F 76 -4.57 29.64 -8.59
C ALA F 76 -4.70 28.86 -7.29
N ILE F 77 -3.58 28.66 -6.57
CA ILE F 77 -3.65 27.89 -5.29
C ILE F 77 -4.52 28.63 -4.26
N ILE F 78 -4.26 29.94 -4.13
CA ILE F 78 -5.00 30.78 -3.17
C ILE F 78 -6.46 30.74 -3.45
N LYS F 79 -6.88 30.94 -4.73
CA LYS F 79 -8.32 30.89 -4.99
C LYS F 79 -9.04 29.60 -4.65
N ALA F 80 -8.37 28.46 -4.86
CA ALA F 80 -8.92 27.15 -4.63
C ALA F 80 -8.84 26.74 -3.15
N ALA F 81 -7.83 27.15 -2.41
CA ALA F 81 -7.60 26.66 -1.04
C ALA F 81 -8.18 27.50 0.07
N ARG F 82 -8.34 28.79 -0.08
CA ARG F 82 -8.85 29.72 0.90
C ARG F 82 -10.25 29.37 1.36
N THR F 83 -10.45 29.02 2.63
CA THR F 83 -11.82 28.83 3.09
C THR F 83 -12.16 30.14 3.82
N GLY F 84 -11.09 30.82 4.28
CA GLY F 84 -11.26 32.06 5.03
C GLY F 84 -11.43 31.76 6.51
N LYS F 85 -11.43 30.51 6.87
CA LYS F 85 -11.39 29.99 8.21
C LYS F 85 -9.90 29.85 8.61
N ILE F 86 -9.76 29.46 9.86
CA ILE F 86 -8.50 29.21 10.52
C ILE F 86 -7.86 27.94 9.96
N GLY F 87 -6.55 27.93 9.72
CA GLY F 87 -5.86 26.75 9.26
C GLY F 87 -5.84 26.50 7.75
N ASP F 88 -6.18 27.45 6.90
CA ASP F 88 -6.11 27.29 5.40
C ASP F 88 -4.73 26.91 4.92
N GLY F 89 -3.72 27.49 5.57
CA GLY F 89 -2.35 27.10 5.23
C GLY F 89 -1.48 28.22 4.66
N LYS F 90 -0.29 27.84 4.12
CA LYS F 90 0.66 28.78 3.53
C LYS F 90 1.20 28.27 2.22
N ILE F 91 1.86 29.19 1.58
CA ILE F 91 2.54 29.00 0.31
C ILE F 91 3.93 29.62 0.45
N PHE F 92 4.96 28.90 0.06
CA PHE F 92 6.35 29.37 0.07
C PHE F 92 6.90 29.30 -1.34
N VAL F 93 7.80 30.19 -1.68
CA VAL F 93 8.45 30.18 -3.00
C VAL F 93 9.94 30.21 -2.79
N GLN F 94 10.63 29.32 -3.51
CA GLN F 94 12.10 29.19 -3.42
C GLN F 94 12.73 29.10 -4.79
N GLU F 95 13.92 29.60 -4.97
CA GLU F 95 14.70 29.44 -6.18
C GLU F 95 15.10 28.02 -6.46
N VAL F 96 15.06 27.50 -7.67
CA VAL F 96 15.65 26.22 -7.99
C VAL F 96 16.74 26.55 -9.01
N GLU F 97 17.95 26.09 -8.85
CA GLU F 97 19.02 26.48 -9.74
C GLU F 97 19.10 25.66 -11.02
N GLN F 98 18.93 24.36 -10.86
CA GLN F 98 18.92 23.47 -11.99
C GLN F 98 17.80 22.41 -11.88
N VAL F 99 17.29 22.01 -13.05
CA VAL F 99 16.24 21.03 -13.19
C VAL F 99 16.70 20.07 -14.30
N ILE F 100 16.75 18.77 -14.02
CA ILE F 100 17.15 17.77 -14.95
C ILE F 100 16.09 16.66 -15.04
N ARG F 101 15.82 16.40 -16.35
CA ARG F 101 14.79 15.38 -16.59
C ARG F 101 15.60 14.13 -16.79
N ILE F 102 15.39 13.11 -16.02
CA ILE F 102 16.18 11.88 -16.03
C ILE F 102 16.18 11.08 -17.35
N ARG F 103 15.00 10.77 -17.80
CA ARG F 103 14.74 10.01 -19.03
C ARG F 103 15.56 10.57 -20.18
N THR F 104 15.61 11.86 -20.45
CA THR F 104 16.29 12.42 -21.59
C THR F 104 17.62 13.10 -21.35
N GLY F 105 17.84 13.50 -20.10
CA GLY F 105 19.05 14.27 -19.77
C GLY F 105 18.82 15.71 -20.11
N GLU F 106 17.57 16.09 -20.43
CA GLU F 106 17.30 17.52 -20.62
C GLU F 106 17.46 18.31 -19.29
N THR F 107 17.76 19.57 -19.46
CA THR F 107 18.17 20.54 -18.47
C THR F 107 17.48 21.88 -18.64
N GLY F 108 17.38 22.66 -17.57
CA GLY F 108 16.74 23.94 -17.52
C GLY F 108 15.33 24.11 -18.04
N PRO F 109 15.14 25.14 -18.87
CA PRO F 109 13.87 25.44 -19.55
C PRO F 109 13.22 24.22 -20.15
N ASP F 110 13.99 23.46 -20.91
CA ASP F 110 13.53 22.21 -21.49
C ASP F 110 12.97 21.15 -20.55
N ALA F 111 13.34 21.15 -19.25
CA ALA F 111 13.02 19.97 -18.44
C ALA F 111 11.85 20.19 -17.51
N VAL F 112 11.30 21.40 -17.49
CA VAL F 112 10.10 21.65 -16.67
C VAL F 112 8.86 21.07 -17.34
#